data_6N3C
#
_entry.id   6N3C
#
_cell.length_a   1
_cell.length_b   1
_cell.length_c   1
_cell.angle_alpha   90
_cell.angle_beta   90
_cell.angle_gamma   90
#
_symmetry.space_group_name_H-M   'P 1'
#
_entity_poly.entity_id   1
_entity_poly.type   'polypeptide(L)'
_entity_poly.pdbx_seq_one_letter_code
;QGGFGNSRGGGAGLGNNQGSNMGGGMNFGEFSINPAMMAAAQAALQ
;
_entity_poly.pdbx_strand_id   A,B,C,D,E,F,G,H,I,J,K,L,M,N,O,P,Q,R,S,T
#
# COMPACT_ATOMS: atom_id res chain seq x y z
N GLY A 3 -20.56 -20.42 3.62
CA GLY A 3 -20.70 -19.14 4.27
C GLY A 3 -21.42 -18.12 3.43
N PHE A 4 -22.05 -17.13 4.09
CA PHE A 4 -22.86 -16.12 3.36
C PHE A 4 -22.07 -14.84 3.04
N GLY A 5 -21.70 -14.05 4.05
CA GLY A 5 -20.95 -12.84 3.82
C GLY A 5 -19.80 -12.55 4.76
N ASN A 6 -19.27 -13.59 5.40
CA ASN A 6 -18.31 -13.42 6.47
C ASN A 6 -16.90 -13.15 5.95
N SER A 7 -16.01 -12.76 6.86
CA SER A 7 -14.67 -12.34 6.50
C SER A 7 -13.62 -12.84 7.49
N ARG A 8 -12.48 -13.28 6.97
CA ARG A 8 -11.39 -13.82 7.76
C ARG A 8 -10.12 -13.05 7.43
N GLY A 9 -9.52 -12.44 8.45
CA GLY A 9 -8.35 -11.62 8.22
C GLY A 9 -7.08 -12.45 8.10
N GLY A 10 -6.18 -11.99 7.23
CA GLY A 10 -4.92 -12.67 7.04
C GLY A 10 -3.96 -11.78 6.30
N GLY A 11 -2.80 -12.32 6.01
CA GLY A 11 -1.82 -11.57 5.25
C GLY A 11 -1.18 -10.52 6.15
N ALA A 12 -0.41 -9.64 5.50
CA ALA A 12 0.29 -8.57 6.19
C ALA A 12 0.29 -7.33 5.32
N GLY A 13 0.04 -6.18 5.95
CA GLY A 13 -0.01 -4.93 5.23
C GLY A 13 0.51 -3.79 6.06
N LEU A 14 1.15 -2.84 5.38
CA LEU A 14 1.74 -1.67 6.01
C LEU A 14 1.20 -0.47 5.27
N GLY A 15 0.51 0.42 5.98
CA GLY A 15 -0.15 1.52 5.33
C GLY A 15 0.85 2.51 4.79
N ASN A 16 1.47 3.27 5.67
CA ASN A 16 2.47 4.26 5.30
C ASN A 16 3.82 4.05 5.97
N ASN A 17 4.86 3.99 5.16
CA ASN A 17 6.24 3.89 5.67
C ASN A 17 7.03 5.03 5.08
N GLN A 18 7.37 6.02 5.92
CA GLN A 18 8.08 7.24 5.42
C GLN A 18 9.38 7.43 6.23
N GLY A 19 10.48 7.66 5.51
CA GLY A 19 11.81 7.92 6.10
C GLY A 19 12.34 6.81 7.02
N SER A 20 12.41 5.57 6.52
CA SER A 20 12.82 4.45 7.41
C SER A 20 13.73 3.46 6.66
N ASN A 21 14.34 2.57 7.44
CA ASN A 21 15.17 1.44 6.96
C ASN A 21 14.36 0.20 7.36
N MET A 22 13.95 -0.60 6.39
CA MET A 22 13.09 -1.74 6.68
C MET A 22 13.79 -2.89 5.98
N GLY A 23 14.16 -3.90 6.73
CA GLY A 23 14.83 -5.03 6.16
C GLY A 23 15.86 -5.61 7.12
N GLY A 24 16.97 -6.05 6.56
CA GLY A 24 18.01 -6.65 7.37
C GLY A 24 17.53 -7.90 8.05
N GLY A 25 17.06 -8.87 7.29
CA GLY A 25 16.55 -10.10 7.86
C GLY A 25 15.10 -9.98 8.29
N MET A 26 14.22 -9.66 7.35
CA MET A 26 12.82 -9.45 7.64
C MET A 26 11.93 -10.34 6.79
N ASN A 27 10.92 -10.91 7.42
CA ASN A 27 9.89 -11.68 6.75
C ASN A 27 8.58 -10.93 6.86
N PHE A 28 8.10 -10.42 5.73
CA PHE A 28 6.94 -9.54 5.68
C PHE A 28 6.00 -10.18 4.68
N GLY A 29 4.93 -10.75 5.15
CA GLY A 29 4.00 -11.39 4.26
C GLY A 29 3.30 -12.56 4.92
N GLU A 30 2.95 -13.54 4.11
CA GLU A 30 2.26 -14.74 4.56
C GLU A 30 3.06 -15.97 4.18
N PHE A 31 3.37 -16.79 5.17
CA PHE A 31 4.19 -17.98 4.96
C PHE A 31 3.33 -19.15 5.42
N SER A 32 2.97 -20.03 4.48
CA SER A 32 2.09 -21.18 4.81
C SER A 32 2.66 -22.49 4.24
N ILE A 33 2.62 -23.54 5.05
CA ILE A 33 3.06 -24.88 4.65
C ILE A 33 2.05 -25.95 5.03
N ASN A 34 1.77 -26.85 4.09
CA ASN A 34 0.75 -27.87 4.30
C ASN A 34 1.31 -29.27 4.06
N GLY B 3 17.55 -24.30 3.65
CA GLY B 3 16.33 -23.72 4.17
C GLY B 3 15.29 -23.45 3.09
N PHE B 4 14.06 -23.19 3.50
CA PHE B 4 12.99 -23.00 2.52
C PHE B 4 12.84 -21.54 2.12
N GLY B 5 12.42 -20.69 3.05
CA GLY B 5 12.08 -19.31 2.72
C GLY B 5 12.49 -18.31 3.76
N ASN B 6 13.44 -18.67 4.61
CA ASN B 6 13.84 -17.80 5.71
C ASN B 6 14.66 -16.62 5.17
N SER B 7 15.18 -15.80 6.07
CA SER B 7 15.93 -14.62 5.68
C SER B 7 16.91 -14.25 6.76
N ARG B 8 18.06 -13.71 6.35
CA ARG B 8 19.12 -13.38 7.29
C ARG B 8 19.79 -12.12 6.77
N GLY B 9 19.94 -11.13 7.64
CA GLY B 9 20.65 -9.93 7.26
C GLY B 9 22.13 -10.26 7.23
N GLY B 10 22.87 -9.46 6.48
CA GLY B 10 24.30 -9.70 6.34
C GLY B 10 24.94 -8.58 5.56
N GLY B 11 26.26 -8.61 5.53
CA GLY B 11 26.99 -7.53 4.91
C GLY B 11 26.89 -6.25 5.71
N ALA B 12 27.19 -5.14 5.04
CA ALA B 12 26.98 -3.85 5.66
C ALA B 12 25.49 -3.72 5.86
N GLY B 13 25.10 -2.75 6.68
CA GLY B 13 23.72 -2.72 7.13
C GLY B 13 22.90 -1.85 6.20
N LEU B 14 21.97 -1.09 6.78
CA LEU B 14 21.06 -0.24 6.06
C LEU B 14 21.23 1.18 6.58
N GLY B 15 21.61 2.09 5.70
CA GLY B 15 21.64 3.50 6.09
C GLY B 15 22.45 3.82 7.33
N ASN B 16 23.63 3.23 7.46
CA ASN B 16 24.45 3.47 8.63
C ASN B 16 25.35 4.68 8.45
N ASN B 17 25.79 5.23 9.58
CA ASN B 17 26.87 6.22 9.63
C ASN B 17 26.37 7.51 8.99
N GLN B 18 25.08 7.75 9.07
CA GLN B 18 24.49 8.90 8.38
C GLN B 18 25.10 10.19 8.91
N GLY B 19 25.89 10.84 8.06
CA GLY B 19 26.52 12.09 8.45
C GLY B 19 27.45 11.98 9.63
N SER B 20 28.19 10.89 9.72
CA SER B 20 29.04 10.61 10.87
C SER B 20 30.48 10.97 10.51
N ASN B 21 30.99 12.03 11.12
CA ASN B 21 32.33 12.50 10.84
C ASN B 21 33.25 11.49 11.51
N MET B 22 34.09 10.82 10.72
CA MET B 22 35.00 9.82 11.26
C MET B 22 36.34 10.52 11.46
N GLY B 23 37.30 9.75 11.93
CA GLY B 23 38.68 10.19 11.97
C GLY B 23 39.54 9.21 11.19
N GLY B 24 39.09 7.95 11.13
CA GLY B 24 39.77 6.93 10.37
C GLY B 24 39.83 5.60 11.07
N GLY B 25 40.45 4.61 10.41
CA GLY B 25 40.77 3.34 11.02
C GLY B 25 39.63 2.37 11.19
N MET B 26 38.39 2.79 11.00
CA MET B 26 37.25 1.92 11.27
C MET B 26 37.14 0.77 10.27
N ASN B 27 36.59 -0.34 10.75
CA ASN B 27 36.31 -1.51 9.91
C ASN B 27 34.86 -1.90 10.06
N PHE B 28 34.11 -1.80 8.97
CA PHE B 28 32.66 -1.78 9.02
C PHE B 28 32.07 -2.86 8.14
N GLY B 29 31.26 -3.73 8.73
CA GLY B 29 30.56 -4.72 7.93
C GLY B 29 30.55 -6.11 8.51
N GLU B 30 30.82 -7.10 7.68
CA GLU B 30 30.87 -8.50 8.10
C GLU B 30 32.15 -9.08 7.52
N PHE B 31 33.15 -9.27 8.36
CA PHE B 31 34.50 -9.52 7.87
C PHE B 31 35.29 -10.30 8.91
N SER B 32 36.61 -10.33 8.74
CA SER B 32 37.49 -11.00 9.68
C SER B 32 38.88 -10.46 9.39
N ILE B 33 39.61 -10.05 10.42
CA ILE B 33 40.91 -9.42 10.29
C ILE B 33 41.92 -10.34 10.96
N ASN B 34 42.99 -10.68 10.23
CA ASN B 34 44.06 -11.56 10.76
C ASN B 34 45.37 -10.77 10.88
N GLY C 3 16.68 20.19 17.71
CA GLY C 3 16.48 18.95 18.41
C GLY C 3 17.44 17.86 17.99
N PHE C 4 17.71 16.91 18.89
CA PHE C 4 18.71 15.84 18.59
C PHE C 4 18.06 14.55 18.05
N GLY C 5 17.27 13.84 18.87
CA GLY C 5 16.62 12.63 18.41
C GLY C 5 15.18 12.42 18.81
N ASN C 6 14.48 13.50 19.13
CA ASN C 6 13.17 13.43 19.73
C ASN C 6 12.07 13.16 18.70
N SER C 7 10.87 12.84 19.19
CA SER C 7 9.77 12.42 18.34
C SER C 7 8.44 13.00 18.80
N ARG C 8 7.63 13.43 17.83
CA ARG C 8 6.33 14.05 18.09
C ARG C 8 5.28 13.28 17.32
N GLY C 9 4.29 12.75 18.03
CA GLY C 9 3.28 11.94 17.38
C GLY C 9 2.20 12.80 16.72
N GLY C 10 1.71 12.31 15.59
CA GLY C 10 0.67 13.00 14.87
C GLY C 10 0.04 12.07 13.84
N GLY C 11 -0.89 12.63 13.08
CA GLY C 11 -1.50 11.85 12.03
C GLY C 11 -2.50 10.87 12.64
N ALA C 12 -2.96 9.97 11.79
CA ALA C 12 -3.94 8.97 12.17
C ALA C 12 -3.65 7.66 11.45
N GLY C 13 -3.71 6.56 12.17
CA GLY C 13 -3.43 5.26 11.60
C GLY C 13 -4.29 4.19 12.20
N LEU C 14 -4.65 3.22 11.36
CA LEU C 14 -5.49 2.10 11.76
C LEU C 14 -4.76 0.83 11.36
N GLY C 15 -4.46 -0.02 12.33
CA GLY C 15 -3.62 -1.17 12.05
C GLY C 15 -4.37 -2.16 11.20
N ASN C 16 -5.33 -2.87 11.78
CA ASN C 16 -6.13 -3.86 11.10
C ASN C 16 -7.63 -3.58 11.15
N ASN C 17 -8.26 -3.54 9.99
CA ASN C 17 -9.71 -3.38 9.89
C ASN C 17 -10.25 -4.54 9.08
N GLN C 18 -10.94 -5.47 9.75
CA GLN C 18 -11.44 -6.70 9.08
C GLN C 18 -12.95 -6.82 9.30
N GLY C 19 -13.69 -7.06 8.21
CA GLY C 19 -15.16 -7.26 8.23
C GLY C 19 -15.96 -6.09 8.78
N SER C 20 -15.77 -4.88 8.25
CA SER C 20 -16.45 -3.70 8.84
C SER C 20 -16.94 -2.74 7.74
N ASN C 21 -17.78 -1.79 8.17
CA ASN C 21 -18.29 -0.67 7.34
C ASN C 21 -17.66 0.56 7.97
N MET C 22 -16.85 1.31 7.21
CA MET C 22 -16.13 2.44 7.78
C MET C 22 -16.44 3.56 6.79
N GLY C 23 -17.04 4.62 7.28
CA GLY C 23 -17.38 5.73 6.43
C GLY C 23 -18.68 6.39 6.87
N GLY C 24 -19.45 6.82 5.89
CA GLY C 24 -20.70 7.49 6.18
C GLY C 24 -20.48 8.77 6.95
N GLY C 25 -19.69 9.67 6.38
CA GLY C 25 -19.41 10.92 7.06
C GLY C 25 -18.26 10.81 8.03
N MET C 26 -17.09 10.41 7.55
CA MET C 26 -15.94 10.18 8.40
C MET C 26 -14.75 11.00 7.94
N ASN C 27 -14.05 11.60 8.90
CA ASN C 27 -12.81 12.30 8.66
C ASN C 27 -11.68 11.53 9.32
N PHE C 28 -10.81 10.94 8.51
CA PHE C 28 -9.78 10.04 8.98
C PHE C 28 -8.48 10.59 8.41
N GLY C 29 -7.66 11.17 9.26
CA GLY C 29 -6.42 11.73 8.79
C GLY C 29 -6.00 12.92 9.62
N GLU C 30 -5.31 13.85 8.96
CA GLU C 30 -4.80 15.06 9.60
C GLU C 30 -5.34 16.27 8.87
N PHE C 31 -5.98 17.17 9.61
CA PHE C 31 -6.59 18.36 9.05
C PHE C 31 -5.94 19.53 9.75
N SER C 32 -5.20 20.35 8.99
CA SER C 32 -4.47 21.49 9.59
C SER C 32 -4.71 22.78 8.79
N ILE C 33 -4.95 23.88 9.49
CA ILE C 33 -5.14 25.20 8.89
C ILE C 33 -4.31 26.27 9.59
N ASN C 34 -3.65 27.10 8.80
CA ASN C 34 -2.76 28.11 9.35
C ASN C 34 -3.10 29.50 8.85
N GLY D 3 -18.01 24.87 2.14
CA GLY D 3 -17.13 24.28 3.14
C GLY D 3 -15.76 23.94 2.58
N PHE D 4 -14.80 23.68 3.46
CA PHE D 4 -13.44 23.40 3.02
C PHE D 4 -13.20 21.91 2.78
N GLY D 5 -13.23 21.11 3.84
CA GLY D 5 -12.86 19.72 3.73
C GLY D 5 -13.69 18.78 4.57
N ASN D 6 -14.89 19.22 4.95
CA ASN D 6 -15.73 18.42 5.82
C ASN D 6 -16.31 17.24 5.05
N SER D 7 -17.19 16.48 5.72
CA SER D 7 -17.76 15.29 5.10
C SER D 7 -19.12 15.01 5.72
N ARG D 8 -20.02 14.47 4.90
CA ARG D 8 -21.39 14.22 5.35
C ARG D 8 -21.84 12.94 4.66
N GLY D 9 -22.39 12.01 5.44
CA GLY D 9 -22.92 10.81 4.86
C GLY D 9 -24.25 11.16 4.22
N GLY D 10 -24.67 10.34 3.27
CA GLY D 10 -25.90 10.60 2.55
C GLY D 10 -26.22 9.45 1.63
N GLY D 11 -27.42 9.51 1.07
CA GLY D 11 -27.88 8.41 0.26
C GLY D 11 -28.17 7.17 1.10
N ALA D 12 -28.22 6.04 0.41
CA ALA D 12 -28.34 4.77 1.12
C ALA D 12 -27.06 4.62 1.92
N GLY D 13 -27.07 3.71 2.87
CA GLY D 13 -26.00 3.67 3.84
C GLY D 13 -24.91 2.73 3.37
N LEU D 14 -24.33 1.99 4.31
CA LEU D 14 -23.23 1.07 4.05
C LEU D 14 -23.68 -0.31 4.53
N GLY D 15 -23.69 -1.26 3.62
CA GLY D 15 -23.95 -2.65 4.02
C GLY D 15 -25.19 -2.87 4.84
N ASN D 16 -26.30 -2.25 4.46
CA ASN D 16 -27.54 -2.39 5.21
C ASN D 16 -28.34 -3.59 4.73
N ASN D 17 -29.23 -4.07 5.62
CA ASN D 17 -30.27 -5.03 5.27
C ASN D 17 -29.62 -6.37 4.96
N GLN D 18 -28.47 -6.63 5.56
CA GLN D 18 -27.71 -7.83 5.22
C GLN D 18 -28.54 -9.07 5.51
N GLY D 19 -28.95 -9.76 4.46
CA GLY D 19 -29.73 -10.97 4.60
C GLY D 19 -31.06 -10.77 5.30
N SER D 20 -31.73 -9.66 5.05
CA SER D 20 -32.95 -9.29 5.73
C SER D 20 -34.13 -9.64 4.85
N ASN D 21 -34.89 -10.65 5.24
CA ASN D 21 -36.03 -11.11 4.47
C ASN D 21 -37.09 -10.04 4.65
N MET D 22 -37.51 -9.40 3.56
CA MET D 22 -38.51 -8.36 3.65
C MET D 22 -39.85 -9.01 3.31
N GLY D 23 -40.90 -8.20 3.33
CA GLY D 23 -42.19 -8.60 2.81
C GLY D 23 -42.61 -7.65 1.72
N GLY D 24 -42.12 -6.42 1.79
CA GLY D 24 -42.40 -5.43 0.76
C GLY D 24 -42.68 -4.05 1.31
N GLY D 25 -42.93 -3.10 0.41
CA GLY D 25 -43.42 -1.79 0.79
C GLY D 25 -42.40 -0.83 1.36
N MET D 26 -41.20 -1.29 1.71
CA MET D 26 -40.24 -0.42 2.37
C MET D 26 -39.69 0.66 1.45
N ASN D 27 -39.32 1.79 2.05
CA ASN D 27 -38.68 2.89 1.35
C ASN D 27 -37.39 3.26 2.06
N PHE D 28 -36.28 3.08 1.37
CA PHE D 28 -34.97 3.03 2.00
C PHE D 28 -34.02 4.04 1.37
N GLY D 29 -33.48 4.94 2.20
CA GLY D 29 -32.48 5.86 1.71
C GLY D 29 -32.65 7.27 2.18
N GLU D 30 -32.52 8.23 1.27
CA GLU D 30 -32.67 9.64 1.56
C GLU D 30 -33.58 10.22 0.49
N PHE D 31 -34.83 10.48 0.85
CA PHE D 31 -35.85 10.73 -0.16
C PHE D 31 -36.95 11.58 0.44
N SER D 32 -38.09 11.64 -0.25
CA SER D 32 -39.26 12.37 0.22
C SER D 32 -40.43 11.85 -0.60
N ILE D 33 -41.53 11.51 0.08
CA ILE D 33 -42.69 10.91 -0.55
C ILE D 33 -43.85 11.89 -0.38
N ASN D 34 -44.51 12.20 -1.49
CA ASN D 34 -45.67 13.15 -1.48
C ASN D 34 -46.95 12.38 -1.86
N GLY E 3 -21.99 -19.86 8.23
CA GLY E 3 -22.09 -18.56 8.87
C GLY E 3 -22.80 -17.54 8.04
N PHE E 4 -23.40 -16.54 8.70
CA PHE E 4 -24.20 -15.50 7.98
C PHE E 4 -23.38 -14.24 7.66
N GLY E 5 -23.00 -13.47 8.69
CA GLY E 5 -22.21 -12.27 8.46
C GLY E 5 -21.05 -12.01 9.40
N ASN E 6 -20.55 -13.06 10.03
CA ASN E 6 -19.58 -12.92 11.10
C ASN E 6 -18.16 -12.68 10.59
N SER E 7 -17.27 -12.31 11.51
CA SER E 7 -15.92 -11.91 11.15
C SER E 7 -14.89 -12.44 12.13
N ARG E 8 -13.76 -12.90 11.61
CA ARG E 8 -12.68 -13.47 12.39
C ARG E 8 -11.40 -12.73 12.07
N GLY E 9 -10.78 -12.14 13.09
CA GLY E 9 -9.58 -11.34 12.87
C GLY E 9 -8.34 -12.20 12.74
N GLY E 10 -7.43 -11.76 11.88
CA GLY E 10 -6.19 -12.46 11.69
C GLY E 10 -5.21 -11.58 10.95
N GLY E 11 -4.05 -12.15 10.66
CA GLY E 11 -3.06 -11.42 9.91
C GLY E 11 -2.40 -10.39 10.80
N ALA E 12 -1.62 -9.53 10.16
CA ALA E 12 -0.89 -8.48 10.85
C ALA E 12 -0.86 -7.23 10.00
N GLY E 13 -1.09 -6.08 10.63
CA GLY E 13 -1.12 -4.82 9.91
C GLY E 13 -0.57 -3.69 10.75
N LEU E 14 0.10 -2.76 10.07
CA LEU E 14 0.70 -1.60 10.72
C LEU E 14 0.20 -0.37 9.97
N GLY E 15 -0.48 0.51 10.70
CA GLY E 15 -1.12 1.63 10.04
C GLY E 15 -0.09 2.59 9.50
N ASN E 16 0.55 3.35 10.39
CA ASN E 16 1.57 4.32 10.03
C ASN E 16 2.91 4.08 10.70
N ASN E 17 3.96 3.99 9.89
CA ASN E 17 5.32 3.86 10.39
C ASN E 17 6.14 4.99 9.81
N GLN E 18 6.50 5.97 10.65
CA GLN E 18 7.24 7.16 10.16
C GLN E 18 8.54 7.34 10.97
N GLY E 19 9.65 7.54 10.26
CA GLY E 19 10.99 7.76 10.86
C GLY E 19 11.49 6.65 11.76
N SER E 20 11.53 5.41 11.26
CA SER E 20 11.92 4.27 12.14
C SER E 20 12.80 3.26 11.38
N ASN E 21 13.40 2.36 12.17
CA ASN E 21 14.20 1.21 11.68
C ASN E 21 13.37 0.00 12.08
N MET E 22 12.94 -0.80 11.10
CA MET E 22 12.05 -1.92 11.38
C MET E 22 12.73 -3.08 10.68
N GLY E 23 13.07 -4.10 11.42
CA GLY E 23 13.73 -5.24 10.85
C GLY E 23 14.74 -5.85 11.80
N GLY E 24 15.84 -6.32 11.24
CA GLY E 24 16.87 -6.94 12.05
C GLY E 24 16.36 -8.18 12.74
N GLY E 25 15.87 -9.13 11.96
CA GLY E 25 15.33 -10.35 12.54
C GLY E 25 13.89 -10.21 12.95
N MET E 26 13.01 -9.86 12.01
CA MET E 26 11.61 -9.62 12.31
C MET E 26 10.71 -10.49 11.45
N ASN E 27 9.69 -11.05 12.09
CA ASN E 27 8.65 -11.79 11.40
C ASN E 27 7.35 -11.02 11.52
N PHE E 28 6.89 -10.48 10.39
CA PHE E 28 5.74 -9.59 10.35
C PHE E 28 4.79 -10.20 9.34
N GLY E 29 3.70 -10.75 9.82
CA GLY E 29 2.75 -11.36 8.91
C GLY E 29 2.03 -12.51 9.57
N GLU E 30 1.66 -13.49 8.75
CA GLU E 30 0.94 -14.67 9.19
C GLU E 30 1.73 -15.91 8.81
N PHE E 31 2.01 -16.75 9.80
CA PHE E 31 2.80 -17.96 9.59
C PHE E 31 1.92 -19.11 10.04
N SER E 32 1.55 -19.97 9.09
CA SER E 32 0.64 -21.10 9.41
C SER E 32 1.17 -22.43 8.84
N ILE E 33 1.13 -23.49 9.65
CA ILE E 33 1.53 -24.83 9.26
C ILE E 33 0.49 -25.88 9.62
N ASN E 34 0.20 -26.76 8.68
CA ASN E 34 -0.84 -27.76 8.88
C ASN E 34 -0.32 -29.17 8.63
N GLY F 3 16.03 -24.57 8.25
CA GLY F 3 14.82 -23.95 8.78
C GLY F 3 13.80 -23.67 7.70
N PHE F 4 12.56 -23.37 8.11
CA PHE F 4 11.49 -23.15 7.13
C PHE F 4 11.38 -21.69 6.74
N GLY F 5 10.97 -20.83 7.67
CA GLY F 5 10.67 -19.45 7.34
C GLY F 5 11.10 -18.46 8.39
N ASN F 6 12.04 -18.84 9.24
CA ASN F 6 12.46 -17.99 10.34
C ASN F 6 13.30 -16.83 9.81
N SER F 7 13.84 -16.02 10.72
CA SER F 7 14.61 -14.86 10.33
C SER F 7 15.61 -14.50 11.41
N ARG F 8 16.76 -13.99 11.01
CA ARG F 8 17.83 -13.69 11.94
C ARG F 8 18.52 -12.45 11.43
N GLY F 9 18.70 -11.46 12.31
CA GLY F 9 19.43 -10.27 11.93
C GLY F 9 20.90 -10.63 11.90
N GLY F 10 21.67 -9.85 11.15
CA GLY F 10 23.09 -10.12 11.02
C GLY F 10 23.76 -9.01 10.24
N GLY F 11 25.08 -9.07 10.21
CA GLY F 11 25.82 -8.00 9.59
C GLY F 11 25.75 -6.72 10.40
N ALA F 12 26.08 -5.62 9.73
CA ALA F 12 25.90 -4.32 10.36
C ALA F 12 24.40 -4.16 10.56
N GLY F 13 24.04 -3.20 11.39
CA GLY F 13 22.66 -3.13 11.84
C GLY F 13 21.85 -2.24 10.91
N LEU F 14 20.95 -1.47 11.50
CA LEU F 14 20.05 -0.59 10.77
C LEU F 14 20.26 0.82 11.30
N GLY F 15 20.65 1.73 10.42
CA GLY F 15 20.72 3.14 10.82
C GLY F 15 21.53 3.43 12.06
N ASN F 16 22.69 2.82 12.20
CA ASN F 16 23.52 3.03 13.37
C ASN F 16 24.46 4.22 13.19
N ASN F 17 24.90 4.77 14.32
CA ASN F 17 26.00 5.72 14.37
C ASN F 17 25.54 7.03 13.75
N GLN F 18 24.24 7.31 13.83
CA GLN F 18 23.68 8.46 13.14
C GLN F 18 24.32 9.73 13.67
N GLY F 19 25.12 10.37 12.83
CA GLY F 19 25.78 11.62 13.22
C GLY F 19 26.71 11.48 14.40
N SER F 20 27.42 10.37 14.49
CA SER F 20 28.27 10.06 15.64
C SER F 20 29.71 10.39 15.28
N ASN F 21 30.24 11.44 15.90
CA ASN F 21 31.60 11.88 15.62
C ASN F 21 32.50 10.85 16.29
N MET F 22 33.31 10.16 15.49
CA MET F 22 34.20 9.15 16.03
C MET F 22 35.56 9.81 16.23
N GLY F 23 36.51 9.02 16.70
CA GLY F 23 37.89 9.42 16.74
C GLY F 23 38.73 8.44 15.96
N GLY F 24 38.25 7.20 15.90
CA GLY F 24 38.91 6.16 15.13
C GLY F 24 38.95 4.81 15.82
N GLY F 25 39.54 3.82 15.16
CA GLY F 25 39.83 2.55 15.77
C GLY F 25 38.67 1.60 15.93
N MET F 26 37.44 2.05 15.74
CA MET F 26 36.29 1.20 16.01
C MET F 26 36.16 0.06 15.00
N ASN F 27 35.57 -1.05 15.47
CA ASN F 27 35.27 -2.21 14.64
C ASN F 27 33.81 -2.56 14.77
N PHE F 28 33.07 -2.44 13.68
CA PHE F 28 31.61 -2.39 13.73
C PHE F 28 31.00 -3.46 12.85
N GLY F 29 30.17 -4.31 13.43
CA GLY F 29 29.45 -5.28 12.63
C GLY F 29 29.42 -6.67 13.21
N GLU F 30 29.67 -7.67 12.37
CA GLU F 30 29.68 -9.06 12.79
C GLU F 30 30.95 -9.67 12.20
N PHE F 31 31.96 -9.89 13.05
CA PHE F 31 33.29 -10.16 12.55
C PHE F 31 34.06 -10.96 13.59
N SER F 32 35.38 -11.03 13.43
CA SER F 32 36.25 -11.72 14.36
C SER F 32 37.65 -11.20 14.07
N ILE F 33 38.38 -10.82 15.10
CA ILE F 33 39.70 -10.22 14.98
C ILE F 33 40.69 -11.16 15.64
N ASN F 34 41.76 -11.52 14.91
CA ASN F 34 42.80 -12.43 15.43
C ASN F 34 44.13 -11.66 15.56
N GLY G 3 17.25 20.50 12.90
CA GLY G 3 17.08 19.25 13.61
C GLY G 3 18.05 18.19 13.19
N PHE G 4 18.34 17.24 14.10
CA PHE G 4 19.36 16.19 13.80
C PHE G 4 18.74 14.89 13.27
N GLY G 5 17.96 14.16 14.09
CA GLY G 5 17.34 12.94 13.63
C GLY G 5 15.91 12.70 14.04
N ASN G 6 15.19 13.77 14.35
CA ASN G 6 13.87 13.67 14.96
C ASN G 6 12.78 13.37 13.93
N SER G 7 11.60 13.03 14.42
CA SER G 7 10.50 12.59 13.57
C SER G 7 9.16 13.14 14.03
N ARG G 8 8.34 13.54 13.06
CA ARG G 8 7.03 14.13 13.31
C ARG G 8 5.99 13.34 12.55
N GLY G 9 5.01 12.79 13.26
CA GLY G 9 4.01 11.96 12.62
C GLY G 9 2.93 12.78 11.96
N GLY G 10 2.44 12.28 10.83
CA GLY G 10 1.38 12.94 10.10
C GLY G 10 0.79 12.00 9.08
N GLY G 11 -0.16 12.53 8.32
CA GLY G 11 -0.76 11.74 7.27
C GLY G 11 -1.73 10.74 7.88
N ALA G 12 -2.18 9.83 7.03
CA ALA G 12 -3.13 8.80 7.43
C ALA G 12 -2.81 7.50 6.71
N GLY G 13 -2.86 6.40 7.44
CA GLY G 13 -2.54 5.11 6.87
C GLY G 13 -3.39 4.01 7.48
N LEU G 14 -3.72 3.03 6.65
CA LEU G 14 -4.54 1.90 7.05
C LEU G 14 -3.78 0.64 6.65
N GLY G 15 -3.45 -0.19 7.62
CA GLY G 15 -2.61 -1.33 7.35
C GLY G 15 -3.32 -2.34 6.51
N ASN G 16 -4.27 -3.06 7.09
CA ASN G 16 -5.05 -4.07 6.42
C ASN G 16 -6.55 -3.82 6.47
N ASN G 17 -7.18 -3.80 5.30
CA ASN G 17 -8.63 -3.67 5.21
C ASN G 17 -9.15 -4.86 4.41
N GLN G 18 -9.82 -5.79 5.08
CA GLN G 18 -10.31 -7.03 4.41
C GLN G 18 -11.82 -7.19 4.64
N GLY G 19 -12.55 -7.45 3.55
CA GLY G 19 -14.00 -7.68 3.57
C GLY G 19 -14.82 -6.53 4.12
N SER G 20 -14.66 -5.31 3.57
CA SER G 20 -15.37 -4.15 4.16
C SER G 20 -15.88 -3.20 3.06
N ASN G 21 -16.74 -2.27 3.48
CA ASN G 21 -17.27 -1.16 2.65
C ASN G 21 -16.67 0.09 3.27
N MET G 22 -15.88 0.84 2.51
CA MET G 22 -15.18 2.00 3.07
C MET G 22 -15.52 3.10 2.08
N GLY G 23 -16.14 4.15 2.57
CA GLY G 23 -16.50 5.25 1.71
C GLY G 23 -17.82 5.88 2.15
N GLY G 24 -18.60 6.30 1.17
CA GLY G 24 -19.87 6.93 1.46
C GLY G 24 -19.67 8.22 2.22
N GLY G 25 -18.90 9.15 1.65
CA GLY G 25 -18.65 10.40 2.32
C GLY G 25 -17.50 10.31 3.29
N MET G 26 -16.32 9.94 2.80
CA MET G 26 -15.16 9.74 3.65
C MET G 26 -13.98 10.59 3.20
N ASN G 27 -13.31 11.20 4.15
CA ASN G 27 -12.07 11.94 3.91
C ASN G 27 -10.94 11.18 4.57
N PHE G 28 -10.05 10.61 3.76
CA PHE G 28 -8.99 9.73 4.23
C PHE G 28 -7.72 10.31 3.66
N GLY G 29 -6.91 10.92 4.51
CA GLY G 29 -5.68 11.50 4.03
C GLY G 29 -5.28 12.70 4.86
N GLU G 30 -4.61 13.65 4.20
CA GLU G 30 -4.13 14.85 4.83
C GLU G 30 -4.69 16.06 4.09
N PHE G 31 -5.35 16.94 4.83
CA PHE G 31 -5.99 18.12 4.26
C PHE G 31 -5.37 19.31 4.96
N SER G 32 -4.64 20.14 4.19
CA SER G 32 -3.94 21.30 4.79
C SER G 32 -4.20 22.58 3.97
N ILE G 33 -4.47 23.68 4.68
CA ILE G 33 -4.69 24.99 4.08
C ILE G 33 -3.89 26.08 4.76
N ASN G 34 -3.24 26.93 3.98
CA ASN G 34 -2.37 27.96 4.52
C ASN G 34 -2.74 29.34 4.02
N GLY H 3 -17.54 24.35 -2.67
CA GLY H 3 -16.65 23.79 -1.68
C GLY H 3 -15.28 23.48 -2.23
N PHE H 4 -14.31 23.24 -1.34
CA PHE H 4 -12.95 22.98 -1.78
C PHE H 4 -12.68 21.50 -2.02
N GLY H 5 -12.69 20.71 -0.96
CA GLY H 5 -12.28 19.32 -1.06
C GLY H 5 -13.10 18.37 -0.21
N ASN H 6 -14.30 18.78 0.17
CA ASN H 6 -15.13 17.97 1.04
C ASN H 6 -15.69 16.77 0.28
N SER H 7 -16.55 16.00 0.95
CA SER H 7 -17.10 14.80 0.34
C SER H 7 -18.44 14.48 0.96
N ARG H 8 -19.33 13.93 0.14
CA ARG H 8 -20.70 13.65 0.59
C ARG H 8 -21.12 12.36 -0.09
N GLY H 9 -21.65 11.42 0.70
CA GLY H 9 -22.16 10.20 0.12
C GLY H 9 -23.49 10.52 -0.52
N GLY H 10 -23.89 9.68 -1.46
CA GLY H 10 -25.13 9.91 -2.18
C GLY H 10 -25.43 8.76 -3.10
N GLY H 11 -26.62 8.79 -3.66
CA GLY H 11 -27.06 7.67 -4.47
C GLY H 11 -27.33 6.44 -3.62
N ALA H 12 -27.35 5.30 -4.30
CA ALA H 12 -27.44 4.04 -3.59
C ALA H 12 -26.15 3.91 -2.79
N GLY H 13 -26.15 3.00 -1.83
CA GLY H 13 -25.07 2.98 -0.87
C GLY H 13 -23.96 2.07 -1.34
N LEU H 14 -23.38 1.35 -0.38
CA LEU H 14 -22.26 0.46 -0.65
C LEU H 14 -22.67 -0.92 -0.16
N GLY H 15 -22.67 -1.90 -1.07
CA GLY H 15 -22.89 -3.27 -0.66
C GLY H 15 -24.13 -3.53 0.17
N ASN H 16 -25.25 -2.93 -0.22
CA ASN H 16 -26.49 -3.10 0.54
C ASN H 16 -27.27 -4.32 0.06
N ASN H 17 -28.14 -4.81 0.95
CA ASN H 17 -29.16 -5.80 0.61
C ASN H 17 -28.49 -7.12 0.30
N GLN H 18 -27.33 -7.36 0.91
CA GLN H 18 -26.54 -8.53 0.57
C GLN H 18 -27.34 -9.80 0.86
N GLY H 19 -27.74 -10.50 -0.18
CA GLY H 19 -28.50 -11.72 -0.03
C GLY H 19 -29.83 -11.55 0.66
N SER H 20 -30.52 -10.45 0.41
CA SER H 20 -31.75 -10.10 1.09
C SER H 20 -32.92 -10.48 0.21
N ASN H 21 -33.66 -11.51 0.60
CA ASN H 21 -34.79 -11.99 -0.17
C ASN H 21 -35.88 -10.95 0.02
N MET H 22 -36.31 -10.33 -1.07
CA MET H 22 -37.33 -9.30 -0.99
C MET H 22 -38.66 -9.99 -1.32
N GLY H 23 -39.72 -9.19 -1.31
CA GLY H 23 -41.00 -9.63 -1.83
C GLY H 23 -41.45 -8.69 -2.93
N GLY H 24 -40.98 -7.46 -2.86
CA GLY H 24 -41.28 -6.48 -3.89
C GLY H 24 -41.59 -5.10 -3.35
N GLY H 25 -41.86 -4.16 -4.25
CA GLY H 25 -42.38 -2.86 -3.88
C GLY H 25 -41.38 -1.87 -3.31
N MET H 26 -40.17 -2.30 -2.97
CA MET H 26 -39.23 -1.41 -2.31
C MET H 26 -38.70 -0.33 -3.23
N ASN H 27 -38.36 0.81 -2.64
CA ASN H 27 -37.75 1.93 -3.34
C ASN H 27 -36.46 2.33 -2.64
N PHE H 28 -35.35 2.18 -3.33
CA PHE H 28 -34.04 2.15 -2.70
C PHE H 28 -33.11 3.18 -3.33
N GLY H 29 -32.59 4.09 -2.51
CA GLY H 29 -31.61 5.02 -3.00
C GLY H 29 -31.81 6.45 -2.54
N GLU H 30 -31.70 7.39 -3.46
CA GLU H 30 -31.88 8.81 -3.16
C GLU H 30 -32.80 9.35 -4.24
N PHE H 31 -34.06 9.60 -3.88
CA PHE H 31 -35.09 9.82 -4.89
C PHE H 31 -36.20 10.66 -4.29
N SER H 32 -37.34 10.68 -4.98
CA SER H 32 -38.53 11.39 -4.52
C SER H 32 -39.68 10.84 -5.33
N ILE H 33 -40.77 10.48 -4.65
CA ILE H 33 -41.92 9.86 -5.27
C ILE H 33 -43.10 10.81 -5.11
N ASN H 34 -43.78 11.10 -6.23
CA ASN H 34 -44.95 12.01 -6.22
C ASN H 34 -46.21 11.23 -6.59
N GLY I 3 17.80 20.79 8.09
CA GLY I 3 17.65 19.54 8.81
C GLY I 3 18.65 18.50 8.40
N PHE I 4 18.96 17.57 9.30
CA PHE I 4 20.01 16.53 9.01
C PHE I 4 19.41 15.22 8.48
N GLY I 5 18.65 14.48 9.31
CA GLY I 5 18.06 13.24 8.86
C GLY I 5 16.63 12.98 9.26
N ASN I 6 15.89 14.03 9.57
CA ASN I 6 14.57 13.90 10.18
C ASN I 6 13.49 13.57 9.14
N SER I 7 12.31 13.21 9.65
CA SER I 7 11.22 12.73 8.80
C SER I 7 9.87 13.26 9.26
N ARG I 8 9.04 13.65 8.28
CA ARG I 8 7.72 14.21 8.54
C ARG I 8 6.70 13.39 7.78
N GLY I 9 5.74 12.82 8.49
CA GLY I 9 4.76 11.96 7.86
C GLY I 9 3.64 12.77 7.19
N GLY I 10 3.17 12.25 6.06
CA GLY I 10 2.10 12.88 5.34
C GLY I 10 1.52 11.93 4.32
N GLY I 11 0.56 12.43 3.55
CA GLY I 11 -0.02 11.62 2.51
C GLY I 11 -0.96 10.60 3.13
N ALA I 12 -1.40 9.68 2.28
CA ALA I 12 -2.32 8.63 2.68
C ALA I 12 -1.98 7.34 1.98
N GLY I 13 -2.00 6.24 2.71
CA GLY I 13 -1.66 4.95 2.14
C GLY I 13 -2.49 3.84 2.76
N LEU I 14 -2.79 2.85 1.93
CA LEU I 14 -3.58 1.70 2.34
C LEU I 14 -2.79 0.47 1.94
N GLY I 15 -2.45 -0.37 2.92
CA GLY I 15 -1.58 -1.48 2.66
C GLY I 15 -2.28 -2.51 1.80
N ASN I 16 -3.20 -3.25 2.41
CA ASN I 16 -3.97 -4.28 1.73
C ASN I 16 -5.47 -4.06 1.78
N ASN I 17 -6.11 -4.06 0.62
CA ASN I 17 -7.56 -3.97 0.52
C ASN I 17 -8.06 -5.16 -0.27
N GLN I 18 -8.70 -6.11 0.41
CA GLN I 18 -9.15 -7.37 -0.26
C GLN I 18 -10.66 -7.54 -0.03
N GLY I 19 -11.38 -7.84 -1.11
CA GLY I 19 -12.85 -8.09 -1.10
C GLY I 19 -13.69 -6.96 -0.55
N SER I 20 -13.55 -5.74 -1.10
CA SER I 20 -14.29 -4.58 -0.52
C SER I 20 -14.81 -3.66 -1.62
N ASN I 21 -15.70 -2.75 -1.20
CA ASN I 21 -16.25 -1.65 -2.04
C ASN I 21 -15.68 -0.38 -1.42
N MET I 22 -14.91 0.38 -2.19
CA MET I 22 -14.24 1.55 -1.64
C MET I 22 -14.59 2.64 -2.63
N GLY I 23 -15.23 3.68 -2.15
CA GLY I 23 -15.62 4.77 -3.01
C GLY I 23 -16.95 5.37 -2.57
N GLY I 24 -17.74 5.77 -3.55
CA GLY I 24 -19.01 6.37 -3.27
C GLY I 24 -18.85 7.67 -2.51
N GLY I 25 -18.10 8.61 -3.09
CA GLY I 25 -17.88 9.88 -2.42
C GLY I 25 -16.72 9.81 -1.45
N MET I 26 -15.54 9.46 -1.94
CA MET I 26 -14.37 9.30 -1.09
C MET I 26 -13.22 10.16 -1.56
N ASN I 27 -12.55 10.80 -0.60
CA ASN I 27 -11.33 11.56 -0.85
C ASN I 27 -10.18 10.84 -0.18
N PHE I 28 -9.28 10.28 -0.99
CA PHE I 28 -8.21 9.43 -0.51
C PHE I 28 -6.94 10.03 -1.09
N GLY I 29 -6.14 10.65 -0.24
CA GLY I 29 -4.93 11.25 -0.72
C GLY I 29 -4.56 12.48 0.10
N GLU I 30 -3.92 13.42 -0.57
CA GLU I 30 -3.46 14.66 0.06
C GLU I 30 -4.04 15.84 -0.68
N PHE I 31 -4.73 16.72 0.05
CA PHE I 31 -5.39 17.88 -0.52
C PHE I 31 -4.78 19.08 0.17
N SER I 32 -4.08 19.92 -0.60
CA SER I 32 -3.40 21.10 -0.01
C SER I 32 -3.69 22.36 -0.83
N ILE I 33 -3.99 23.47 -0.13
CA ILE I 33 -4.23 24.77 -0.74
C ILE I 33 -3.46 25.88 -0.06
N ASN I 34 -2.83 26.73 -0.85
CA ASN I 34 -1.98 27.78 -0.31
C ASN I 34 -2.39 29.15 -0.82
N GLY J 3 -17.08 23.82 -7.47
CA GLY J 3 -16.17 23.29 -6.48
C GLY J 3 -14.80 23.00 -7.03
N PHE J 4 -13.83 22.78 -6.14
CA PHE J 4 -12.45 22.56 -6.58
C PHE J 4 -12.15 21.08 -6.81
N GLY J 5 -12.14 20.30 -5.75
CA GLY J 5 -11.70 18.92 -5.84
C GLY J 5 -12.51 17.95 -4.99
N ASN J 6 -13.72 18.33 -4.61
CA ASN J 6 -14.53 17.51 -3.74
C ASN J 6 -15.05 16.29 -4.49
N SER J 7 -15.90 15.51 -3.82
CA SER J 7 -16.42 14.30 -4.42
C SER J 7 -17.77 13.96 -3.81
N ARG J 8 -18.64 13.37 -4.61
CA ARG J 8 -20.00 13.07 -4.17
C ARG J 8 -20.39 11.77 -4.83
N GLY J 9 -20.89 10.82 -4.04
CA GLY J 9 -21.38 9.59 -4.62
C GLY J 9 -22.72 9.88 -5.26
N GLY J 10 -23.10 9.02 -6.20
CA GLY J 10 -24.35 9.23 -6.92
C GLY J 10 -24.62 8.06 -7.83
N GLY J 11 -25.82 8.06 -8.39
CA GLY J 11 -26.24 6.93 -9.19
C GLY J 11 -26.47 5.70 -8.34
N ALA J 12 -26.47 4.55 -9.01
CA ALA J 12 -26.54 3.30 -8.29
C ALA J 12 -25.25 3.20 -7.50
N GLY J 13 -25.22 2.30 -6.53
CA GLY J 13 -24.14 2.31 -5.57
C GLY J 13 -23.02 1.42 -6.04
N LEU J 14 -22.41 0.71 -5.09
CA LEU J 14 -21.28 -0.16 -5.34
C LEU J 14 -21.65 -1.55 -4.85
N GLY J 15 -21.63 -2.52 -5.76
CA GLY J 15 -21.83 -3.90 -5.34
C GLY J 15 -23.06 -4.17 -4.51
N ASN J 16 -24.19 -3.60 -4.89
CA ASN J 16 -25.43 -3.80 -4.15
C ASN J 16 -26.18 -5.04 -4.61
N ASN J 17 -27.04 -5.54 -3.71
CA ASN J 17 -28.04 -6.55 -4.05
C ASN J 17 -27.33 -7.86 -4.36
N GLN J 18 -26.18 -8.07 -3.75
CA GLN J 18 -25.36 -9.23 -4.08
C GLN J 18 -26.13 -10.51 -3.78
N GLY J 19 -26.52 -11.22 -4.82
CA GLY J 19 -27.25 -12.47 -4.67
C GLY J 19 -28.58 -12.31 -3.97
N SER J 20 -29.29 -11.24 -4.23
CA SER J 20 -30.53 -10.92 -3.55
C SER J 20 -31.70 -11.33 -4.43
N ASN J 21 -32.41 -12.36 -4.03
CA ASN J 21 -33.53 -12.88 -4.79
C ASN J 21 -34.64 -11.86 -4.62
N MET J 22 -35.08 -11.25 -5.71
CA MET J 22 -36.14 -10.25 -5.63
C MET J 22 -37.45 -10.96 -5.96
N GLY J 23 -38.52 -10.19 -5.95
CA GLY J 23 -39.79 -10.65 -6.46
C GLY J 23 -40.26 -9.73 -7.57
N GLY J 24 -39.82 -8.48 -7.50
CA GLY J 24 -40.14 -7.52 -8.54
C GLY J 24 -40.48 -6.14 -8.00
N GLY J 25 -40.78 -5.20 -8.91
CA GLY J 25 -41.33 -3.92 -8.54
C GLY J 25 -40.35 -2.91 -7.99
N MET J 26 -39.12 -3.31 -7.64
CA MET J 26 -38.21 -2.40 -6.98
C MET J 26 -37.69 -1.31 -7.92
N ASN J 27 -37.38 -0.16 -7.32
CA ASN J 27 -36.80 0.97 -8.03
C ASN J 27 -35.52 1.40 -7.33
N PHE J 28 -34.40 1.26 -8.02
CA PHE J 28 -33.08 1.28 -7.39
C PHE J 28 -32.19 2.32 -8.03
N GLY J 29 -31.68 3.24 -7.21
CA GLY J 29 -30.72 4.20 -7.71
C GLY J 29 -30.96 5.61 -7.26
N GLU J 30 -30.85 6.56 -8.18
CA GLU J 30 -31.08 7.97 -7.89
C GLU J 30 -32.01 8.50 -8.97
N PHE J 31 -33.27 8.72 -8.62
CA PHE J 31 -34.31 8.91 -9.62
C PHE J 31 -35.44 9.72 -9.02
N SER J 32 -36.58 9.71 -9.71
CA SER J 32 -37.77 10.41 -9.25
C SER J 32 -38.93 9.82 -10.06
N ILE J 33 -40.00 9.46 -9.37
CA ILE J 33 -41.14 8.79 -10.00
C ILE J 33 -42.34 9.71 -9.83
N ASN J 34 -43.01 9.99 -10.96
CA ASN J 34 -44.21 10.88 -10.95
C ASN J 34 -45.45 10.07 -11.33
N GLY K 3 -19.13 -20.97 -0.98
CA GLY K 3 -19.28 -19.69 -0.34
C GLY K 3 -20.03 -18.69 -1.18
N PHE K 4 -20.69 -17.72 -0.53
CA PHE K 4 -21.52 -16.72 -1.26
C PHE K 4 -20.76 -15.43 -1.59
N GLY K 5 -20.40 -14.63 -0.57
CA GLY K 5 -19.68 -13.41 -0.81
C GLY K 5 -18.53 -13.08 0.12
N ASN K 6 -17.98 -14.11 0.77
CA ASN K 6 -17.02 -13.92 1.84
C ASN K 6 -15.61 -13.63 1.32
N SER K 7 -14.73 -13.21 2.23
CA SER K 7 -13.40 -12.76 1.86
C SER K 7 -12.34 -13.22 2.86
N ARG K 8 -11.19 -13.64 2.32
CA ARG K 8 -10.09 -14.16 3.12
C ARG K 8 -8.84 -13.36 2.79
N GLY K 9 -8.25 -12.73 3.81
CA GLY K 9 -7.09 -11.89 3.58
C GLY K 9 -5.82 -12.70 3.45
N GLY K 10 -4.93 -12.23 2.58
CA GLY K 10 -3.65 -12.88 2.40
C GLY K 10 -2.71 -11.96 1.65
N GLY K 11 -1.53 -12.49 1.36
CA GLY K 11 -0.58 -11.71 0.60
C GLY K 11 0.05 -10.65 1.49
N ALA K 12 0.79 -9.76 0.83
CA ALA K 12 1.47 -8.67 1.52
C ALA K 12 1.45 -7.42 0.65
N GLY K 13 1.17 -6.28 1.28
CA GLY K 13 1.09 -5.04 0.54
C GLY K 13 1.59 -3.89 1.37
N LEU K 14 2.21 -2.93 0.69
CA LEU K 14 2.77 -1.74 1.31
C LEU K 14 2.20 -0.54 0.57
N GLY K 15 1.50 0.32 1.27
CA GLY K 15 0.81 1.41 0.62
C GLY K 15 1.79 2.41 0.07
N ASN K 16 2.39 3.20 0.95
CA ASN K 16 3.37 4.21 0.58
C ASN K 16 4.73 4.03 1.24
N ASN K 17 5.77 3.98 0.43
CA ASN K 17 7.14 3.91 0.94
C ASN K 17 7.91 5.08 0.34
N GLN K 18 8.23 6.08 1.18
CA GLN K 18 8.92 7.30 0.68
C GLN K 18 10.20 7.53 1.48
N GLY K 19 11.30 7.78 0.77
CA GLY K 19 12.63 8.07 1.36
C GLY K 19 13.18 6.98 2.27
N SER K 20 13.28 5.74 1.77
CA SER K 20 13.72 4.62 2.66
C SER K 20 14.64 3.66 1.93
N ASN K 21 15.28 2.79 2.72
CA ASN K 21 16.12 1.67 2.23
C ASN K 21 15.34 0.42 2.65
N MET K 22 14.95 -0.40 1.68
CA MET K 22 14.12 -1.56 1.97
C MET K 22 14.84 -2.69 1.28
N GLY K 23 15.23 -3.70 2.03
CA GLY K 23 15.94 -4.82 1.47
C GLY K 23 16.97 -5.37 2.43
N GLY K 24 18.10 -5.79 1.87
CA GLY K 24 19.15 -6.35 2.68
C GLY K 24 18.69 -7.62 3.37
N GLY K 25 18.24 -8.59 2.61
CA GLY K 25 17.76 -9.82 3.19
C GLY K 25 16.31 -9.74 3.62
N MET K 26 15.43 -9.45 2.67
CA MET K 26 14.01 -9.26 2.96
C MET K 26 13.15 -10.18 2.12
N ASN K 27 12.16 -10.78 2.76
CA ASN K 27 11.13 -11.57 2.09
C ASN K 27 9.81 -10.85 2.20
N PHE K 28 9.32 -10.35 1.06
CA PHE K 28 8.14 -9.50 1.02
C PHE K 28 7.21 -10.16 0.01
N GLY K 29 6.15 -10.75 0.49
CA GLY K 29 5.23 -11.41 -0.40
C GLY K 29 4.56 -12.59 0.27
N GLU K 30 4.24 -13.59 -0.54
CA GLU K 30 3.56 -14.79 -0.08
C GLU K 30 4.40 -16.01 -0.46
N PHE K 31 4.73 -16.83 0.53
CA PHE K 31 5.57 -18.00 0.34
C PHE K 31 4.73 -19.18 0.80
N SER K 32 4.40 -20.07 -0.14
CA SER K 32 3.54 -21.24 0.19
C SER K 32 4.13 -22.53 -0.37
N ILE K 33 4.12 -23.60 0.45
CA ILE K 33 4.59 -24.92 0.06
C ILE K 33 3.60 -26.01 0.44
N ASN K 34 3.35 -26.91 -0.49
CA ASN K 34 2.35 -27.96 -0.27
C ASN K 34 2.93 -29.34 -0.51
N GLY L 3 19.06 -24.04 -0.96
CA GLY L 3 17.83 -23.47 -0.44
C GLY L 3 16.79 -23.24 -1.51
N PHE L 4 15.55 -23.00 -1.11
CA PHE L 4 14.48 -22.83 -2.08
C PHE L 4 14.28 -21.37 -2.49
N GLY L 5 13.85 -20.53 -1.57
CA GLY L 5 13.49 -19.17 -1.90
C GLY L 5 13.87 -18.15 -0.87
N ASN L 6 14.84 -18.48 -0.01
CA ASN L 6 15.22 -17.60 1.07
C ASN L 6 16.01 -16.41 0.52
N SER L 7 16.51 -15.57 1.43
CA SER L 7 17.23 -14.38 1.03
C SER L 7 18.21 -13.98 2.11
N ARG L 8 19.34 -13.42 1.69
CA ARG L 8 20.41 -13.07 2.63
C ARG L 8 21.03 -11.79 2.11
N GLY L 9 21.18 -10.79 2.98
CA GLY L 9 21.85 -9.58 2.58
C GLY L 9 23.33 -9.87 2.56
N GLY L 10 24.07 -9.06 1.80
CA GLY L 10 25.50 -9.27 1.67
C GLY L 10 26.12 -8.15 0.88
N GLY L 11 27.44 -8.15 0.85
CA GLY L 11 28.13 -7.06 0.22
C GLY L 11 28.01 -5.77 1.02
N ALA L 12 28.29 -4.67 0.34
CA ALA L 12 28.06 -3.38 0.96
C ALA L 12 26.56 -3.27 1.15
N GLY L 13 26.14 -2.31 1.97
CA GLY L 13 24.77 -2.30 2.42
C GLY L 13 23.93 -1.45 1.49
N LEU L 14 22.99 -0.72 2.07
CA LEU L 14 22.04 0.11 1.34
C LEU L 14 22.19 1.53 1.85
N GLY L 15 22.55 2.46 0.97
CA GLY L 15 22.56 3.86 1.35
C GLY L 15 23.35 4.20 2.59
N ASN L 16 24.55 3.65 2.73
CA ASN L 16 25.36 3.90 3.89
C ASN L 16 26.25 5.13 3.71
N ASN L 17 26.67 5.70 4.83
CA ASN L 17 27.72 6.71 4.87
C ASN L 17 27.20 7.98 4.24
N GLN L 18 25.90 8.20 4.31
CA GLN L 18 25.29 9.33 3.62
C GLN L 18 25.87 10.64 4.14
N GLY L 19 26.64 11.31 3.29
CA GLY L 19 27.26 12.57 3.67
C GLY L 19 28.18 12.48 4.85
N SER L 20 28.94 11.40 4.95
CA SER L 20 29.80 11.15 6.10
C SER L 20 31.22 11.54 5.73
N ASN L 21 31.72 12.62 6.34
CA ASN L 21 33.06 13.11 6.05
C ASN L 21 33.99 12.12 6.73
N MET L 22 34.84 11.47 5.94
CA MET L 22 35.77 10.49 6.49
C MET L 22 37.10 11.21 6.68
N GLY L 23 38.09 10.48 7.16
CA GLY L 23 39.45 10.94 7.19
C GLY L 23 40.33 9.98 6.42
N GLY L 24 39.90 8.72 6.36
CA GLY L 24 40.60 7.71 5.61
C GLY L 24 40.70 6.37 6.31
N GLY L 25 41.33 5.39 5.66
CA GLY L 25 41.68 4.14 6.28
C GLY L 25 40.57 3.15 6.45
N MET L 26 39.31 3.54 6.25
CA MET L 26 38.20 2.64 6.54
C MET L 26 38.12 1.49 5.54
N ASN L 27 37.58 0.37 6.02
CA ASN L 27 37.33 -0.81 5.19
C ASN L 27 35.88 -1.24 5.34
N PHE L 28 35.14 -1.16 4.25
CA PHE L 28 33.69 -1.17 4.30
C PHE L 28 33.12 -2.26 3.42
N GLY L 29 32.33 -3.14 4.02
CA GLY L 29 31.64 -4.15 3.23
C GLY L 29 31.68 -5.54 3.82
N GLU L 30 31.96 -6.54 2.98
CA GLU L 30 32.04 -7.92 3.41
C GLU L 30 33.33 -8.47 2.84
N PHE L 31 34.34 -8.65 3.68
CA PHE L 31 35.69 -8.87 3.18
C PHE L 31 36.50 -9.62 4.23
N SER L 32 37.81 -9.63 4.06
CA SER L 32 38.72 -10.27 5.00
C SER L 32 40.09 -9.70 4.71
N ILE L 33 40.81 -9.27 5.73
CA ILE L 33 42.10 -8.62 5.60
C ILE L 33 43.13 -9.51 6.27
N ASN L 34 44.20 -9.83 5.55
CA ASN L 34 45.29 -10.70 6.08
C ASN L 34 46.58 -9.87 6.19
N GLY M 3 18.34 21.08 3.28
CA GLY M 3 18.22 19.82 4.00
C GLY M 3 19.24 18.80 3.59
N PHE M 4 19.57 17.88 4.50
CA PHE M 4 20.64 16.87 4.22
C PHE M 4 20.07 15.55 3.70
N GLY M 5 19.34 14.79 4.52
CA GLY M 5 18.77 13.54 4.07
C GLY M 5 17.34 13.24 4.48
N ASN M 6 16.58 14.28 4.80
CA ASN M 6 15.26 14.13 5.40
C ASN M 6 14.19 13.77 4.37
N SER M 7 13.02 13.39 4.88
CA SER M 7 11.94 12.88 4.03
C SER M 7 10.58 13.38 4.48
N ARG M 8 9.74 13.75 3.51
CA ARG M 8 8.41 14.28 3.76
C ARG M 8 7.40 13.44 3.01
N GLY M 9 6.45 12.85 3.72
CA GLY M 9 5.49 11.97 3.09
C GLY M 9 4.36 12.74 2.42
N GLY M 10 3.90 12.21 1.30
CA GLY M 10 2.81 12.82 0.57
C GLY M 10 2.26 11.85 -0.44
N GLY M 11 1.29 12.32 -1.21
CA GLY M 11 0.72 11.49 -2.24
C GLY M 11 -0.20 10.46 -1.62
N ALA M 12 -0.62 9.52 -2.47
CA ALA M 12 -1.52 8.46 -2.06
C ALA M 12 -1.14 7.17 -2.76
N GLY M 13 -1.14 6.08 -2.02
CA GLY M 13 -0.77 4.80 -2.58
C GLY M 13 -1.57 3.67 -1.96
N LEU M 14 -1.86 2.67 -2.78
CA LEU M 14 -2.62 1.50 -2.37
C LEU M 14 -1.81 0.28 -2.77
N GLY M 15 -1.45 -0.53 -1.78
CA GLY M 15 -0.55 -1.64 -2.04
C GLY M 15 -1.23 -2.69 -2.89
N ASN M 16 -2.14 -3.43 -2.28
CA ASN M 16 -2.89 -4.49 -2.95
C ASN M 16 -4.39 -4.31 -2.91
N ASN M 17 -5.03 -4.32 -4.06
CA ASN M 17 -6.48 -4.26 -4.16
C ASN M 17 -6.95 -5.46 -4.95
N GLN M 18 -7.58 -6.43 -4.26
CA GLN M 18 -8.01 -7.70 -4.92
C GLN M 18 -9.51 -7.91 -4.70
N GLY M 19 -10.22 -8.22 -5.78
CA GLY M 19 -11.67 -8.51 -5.76
C GLY M 19 -12.55 -7.38 -5.21
N SER M 20 -12.44 -6.18 -5.77
CA SER M 20 -13.20 -5.03 -5.19
C SER M 20 -13.75 -4.11 -6.30
N ASN M 21 -14.64 -3.22 -5.89
CA ASN M 21 -15.22 -2.15 -6.73
C ASN M 21 -14.68 -0.86 -6.11
N MET M 22 -13.92 -0.08 -6.89
CA MET M 22 -13.28 1.10 -6.34
C MET M 22 -13.66 2.19 -7.33
N GLY M 23 -14.32 3.21 -6.86
CA GLY M 23 -14.73 4.29 -7.72
C GLY M 23 -16.07 4.86 -7.30
N GLY M 24 -16.87 5.23 -8.28
CA GLY M 24 -18.16 5.81 -7.99
C GLY M 24 -18.03 7.12 -7.24
N GLY M 25 -17.30 8.07 -7.82
CA GLY M 25 -17.10 9.34 -7.16
C GLY M 25 -15.94 9.31 -6.19
N MET M 26 -14.75 8.99 -6.67
CA MET M 26 -13.58 8.84 -5.83
C MET M 26 -12.45 9.74 -6.30
N ASN M 27 -11.79 10.39 -5.34
CA ASN M 27 -10.59 11.17 -5.60
C ASN M 27 -9.42 10.48 -4.93
N PHE M 28 -8.52 9.94 -5.73
CA PHE M 28 -7.42 9.11 -5.25
C PHE M 28 -6.17 9.74 -5.83
N GLY M 29 -5.38 10.39 -4.99
CA GLY M 29 -4.19 11.01 -5.48
C GLY M 29 -3.83 12.24 -4.67
N GLU M 30 -3.21 13.21 -5.33
CA GLU M 30 -2.78 14.45 -4.71
C GLU M 30 -3.39 15.62 -5.46
N PHE M 31 -4.09 16.48 -4.73
CA PHE M 31 -4.78 17.63 -5.30
C PHE M 31 -4.21 18.84 -4.62
N SER M 32 -3.52 19.69 -5.39
CA SER M 32 -2.87 20.90 -4.81
C SER M 32 -3.19 22.15 -5.64
N ILE M 33 -3.51 23.25 -4.95
CA ILE M 33 -3.78 24.53 -5.55
C ILE M 33 -3.02 25.67 -4.88
N ASN M 34 -2.41 26.53 -5.68
CA ASN M 34 -1.59 27.60 -5.14
C ASN M 34 -2.02 28.97 -5.66
N GLY N 3 -16.60 23.29 -12.27
CA GLY N 3 -15.68 22.77 -11.28
C GLY N 3 -14.30 22.51 -11.83
N PHE N 4 -13.33 22.31 -10.94
CA PHE N 4 -11.95 22.12 -11.38
C PHE N 4 -11.62 20.65 -11.61
N GLY N 5 -11.59 19.86 -10.54
CA GLY N 5 -11.13 18.50 -10.63
C GLY N 5 -11.90 17.52 -9.77
N ASN N 6 -13.12 17.88 -9.39
CA ASN N 6 -13.91 17.05 -8.51
C ASN N 6 -14.42 15.81 -9.26
N SER N 7 -15.24 15.02 -8.59
CA SER N 7 -15.74 13.78 -9.18
C SER N 7 -17.07 13.42 -8.57
N ARG N 8 -17.94 12.81 -9.37
CA ARG N 8 -19.28 12.49 -8.92
C ARG N 8 -19.66 11.17 -9.58
N GLY N 9 -20.13 10.22 -8.79
CA GLY N 9 -20.59 8.97 -9.36
C GLY N 9 -21.94 9.23 -10.00
N GLY N 10 -22.31 8.36 -10.93
CA GLY N 10 -23.56 8.54 -11.65
C GLY N 10 -23.80 7.36 -12.55
N GLY N 11 -25.00 7.33 -13.11
CA GLY N 11 -25.39 6.19 -13.91
C GLY N 11 -25.60 4.95 -13.06
N ALA N 12 -25.58 3.81 -13.73
CA ALA N 12 -25.62 2.55 -13.00
C ALA N 12 -24.32 2.50 -12.20
N GLY N 13 -24.28 1.59 -11.23
CA GLY N 13 -23.20 1.63 -10.27
C GLY N 13 -22.06 0.75 -10.73
N LEU N 14 -21.43 0.07 -9.78
CA LEU N 14 -20.28 -0.78 -10.03
C LEU N 14 -20.63 -2.17 -9.53
N GLY N 15 -20.58 -3.15 -10.43
CA GLY N 15 -20.75 -4.53 -10.01
C GLY N 15 -21.98 -4.82 -9.18
N ASN N 16 -23.13 -4.29 -9.57
CA ASN N 16 -24.35 -4.50 -8.82
C ASN N 16 -25.08 -5.75 -9.27
N ASN N 17 -25.92 -6.27 -8.38
CA ASN N 17 -26.90 -7.30 -8.71
C ASN N 17 -26.17 -8.60 -9.01
N GLN N 18 -25.01 -8.78 -8.40
CA GLN N 18 -24.17 -9.93 -8.73
C GLN N 18 -24.91 -11.22 -8.42
N GLY N 19 -25.28 -11.95 -9.46
CA GLY N 19 -25.99 -13.20 -9.30
C GLY N 19 -27.32 -13.08 -8.60
N SER N 20 -28.05 -12.01 -8.87
CA SER N 20 -29.30 -11.72 -8.19
C SER N 20 -30.46 -12.16 -9.07
N ASN N 21 -31.15 -13.21 -8.66
CA ASN N 21 -32.26 -13.75 -9.43
C ASN N 21 -33.39 -12.75 -9.24
N MET N 22 -33.85 -12.16 -10.34
CA MET N 22 -34.92 -11.18 -10.27
C MET N 22 -36.21 -11.93 -10.59
N GLY N 23 -37.31 -11.18 -10.59
CA GLY N 23 -38.56 -11.67 -11.09
C GLY N 23 -39.05 -10.77 -12.20
N GLY N 24 -38.64 -9.51 -12.15
CA GLY N 24 -38.98 -8.55 -13.18
C GLY N 24 -39.36 -7.18 -12.65
N GLY N 25 -39.66 -6.26 -13.56
CA GLY N 25 -40.24 -4.98 -13.21
C GLY N 25 -39.28 -3.94 -12.66
N MET N 26 -38.06 -4.33 -12.31
CA MET N 26 -37.16 -3.39 -11.65
C MET N 26 -36.67 -2.28 -12.59
N ASN N 27 -36.38 -1.14 -12.00
CA ASN N 27 -35.81 0.00 -12.71
C ASN N 27 -34.55 0.46 -12.02
N PHE N 28 -33.43 0.35 -12.71
CA PHE N 28 -32.12 0.40 -12.09
C PHE N 28 -31.24 1.46 -12.72
N GLY N 29 -30.76 2.38 -11.91
CA GLY N 29 -29.82 3.37 -12.41
C GLY N 29 -30.08 4.78 -11.97
N GLU N 30 -30.00 5.72 -12.90
CA GLU N 30 -30.25 7.14 -12.61
C GLU N 30 -31.20 7.63 -13.69
N PHE N 31 -32.47 7.82 -13.34
CA PHE N 31 -33.50 7.99 -14.35
C PHE N 31 -34.65 8.77 -13.75
N SER N 32 -35.79 8.75 -14.44
CA SER N 32 -37.01 9.41 -13.98
C SER N 32 -38.14 8.80 -14.78
N ILE N 33 -39.22 8.41 -14.10
CA ILE N 33 -40.33 7.72 -14.71
C ILE N 33 -41.55 8.63 -14.55
N ASN N 34 -42.24 8.88 -15.68
CA ASN N 34 -43.45 9.75 -15.68
C ASN N 34 -44.67 8.89 -16.05
N GLY O 3 -17.68 -21.52 -5.58
CA GLY O 3 -17.86 -20.23 -4.94
C GLY O 3 -18.64 -19.26 -5.79
N PHE O 4 -19.30 -18.29 -5.14
CA PHE O 4 -20.16 -17.33 -5.89
C PHE O 4 -19.43 -16.01 -6.21
N GLY O 5 -19.09 -15.21 -5.20
CA GLY O 5 -18.39 -13.96 -5.44
C GLY O 5 -17.25 -13.61 -4.51
N ASN O 6 -16.68 -14.62 -3.86
CA ASN O 6 -15.72 -14.40 -2.79
C ASN O 6 -14.32 -14.08 -3.31
N SER O 7 -13.45 -13.64 -2.41
CA SER O 7 -12.12 -13.16 -2.77
C SER O 7 -11.06 -13.60 -1.78
N ARG O 8 -9.91 -14.00 -2.31
CA ARG O 8 -8.80 -14.49 -1.51
C ARG O 8 -7.56 -13.67 -1.85
N GLY O 9 -6.99 -13.02 -0.84
CA GLY O 9 -5.84 -12.16 -1.07
C GLY O 9 -4.54 -12.93 -1.19
N GLY O 10 -3.67 -12.46 -2.06
CA GLY O 10 -2.38 -13.07 -2.26
C GLY O 10 -1.46 -12.14 -3.01
N GLY O 11 -0.26 -12.63 -3.29
CA GLY O 11 0.66 -11.85 -4.05
C GLY O 11 1.27 -10.76 -3.18
N ALA O 12 1.99 -9.87 -3.83
CA ALA O 12 2.65 -8.76 -3.15
C ALA O 12 2.59 -7.52 -4.02
N GLY O 13 2.29 -6.38 -3.41
CA GLY O 13 2.19 -5.14 -4.14
C GLY O 13 2.67 -3.97 -3.32
N LEU O 14 3.26 -3.01 -4.01
CA LEU O 14 3.79 -1.80 -3.39
C LEU O 14 3.21 -0.63 -4.14
N GLY O 15 2.48 0.23 -3.44
CA GLY O 15 1.77 1.29 -4.10
C GLY O 15 2.72 2.32 -4.65
N ASN O 16 3.31 3.12 -3.77
CA ASN O 16 4.27 4.15 -4.15
C ASN O 16 5.62 4.01 -3.48
N ASN O 17 6.68 3.98 -4.29
CA ASN O 17 8.05 3.94 -3.79
C ASN O 17 8.79 5.12 -4.39
N GLN O 18 9.08 6.13 -3.56
CA GLN O 18 9.74 7.36 -4.07
C GLN O 18 11.03 7.62 -3.26
N GLY O 19 12.12 7.90 -3.98
CA GLY O 19 13.45 8.21 -3.39
C GLY O 19 14.02 7.14 -2.48
N SER O 20 14.15 5.90 -2.97
CA SER O 20 14.60 4.80 -2.07
C SER O 20 15.56 3.85 -2.80
N ASN O 21 16.21 3.00 -2.01
CA ASN O 21 17.08 1.89 -2.49
C ASN O 21 16.33 0.63 -2.07
N MET O 22 15.95 -0.20 -3.04
CA MET O 22 15.14 -1.38 -2.73
C MET O 22 15.89 -2.49 -3.44
N GLY O 23 16.29 -3.49 -2.67
CA GLY O 23 17.02 -4.59 -3.23
C GLY O 23 18.08 -5.12 -2.27
N GLY O 24 19.20 -5.53 -2.82
CA GLY O 24 20.27 -6.07 -2.01
C GLY O 24 19.84 -7.32 -1.31
N GLY O 25 19.41 -8.32 -2.07
CA GLY O 25 18.96 -9.56 -1.48
C GLY O 25 17.51 -9.51 -1.06
N MET O 26 16.62 -9.23 -2.01
CA MET O 26 15.20 -9.08 -1.71
C MET O 26 14.35 -10.02 -2.54
N ASN O 27 13.37 -10.63 -1.91
CA ASN O 27 12.38 -11.45 -2.57
C ASN O 27 11.03 -10.76 -2.48
N PHE O 28 10.54 -10.27 -3.60
CA PHE O 28 9.34 -9.44 -3.65
C PHE O 28 8.42 -10.14 -4.65
N GLY O 29 7.37 -10.75 -4.17
CA GLY O 29 6.46 -11.43 -5.06
C GLY O 29 5.82 -12.61 -4.38
N GLU O 30 5.52 -13.63 -5.20
CA GLU O 30 4.87 -14.85 -4.72
C GLU O 30 5.73 -16.05 -5.10
N PHE O 31 6.08 -16.85 -4.11
CA PHE O 31 6.94 -18.01 -4.29
C PHE O 31 6.13 -19.20 -3.82
N SER O 32 5.82 -20.11 -4.75
CA SER O 32 4.98 -21.29 -4.42
C SER O 32 5.61 -22.58 -4.97
N ILE O 33 5.62 -23.63 -4.16
CA ILE O 33 6.11 -24.94 -4.54
C ILE O 33 5.15 -26.05 -4.14
N ASN O 34 4.91 -26.97 -5.08
CA ASN O 34 3.95 -28.03 -4.85
C ASN O 34 4.55 -29.40 -5.09
N GLY P 3 20.56 -23.76 -5.57
CA GLY P 3 19.32 -23.21 -5.05
C GLY P 3 18.29 -23.01 -6.12
N PHE P 4 17.03 -22.80 -5.73
CA PHE P 4 15.95 -22.66 -6.70
C PHE P 4 15.74 -21.20 -7.12
N GLY P 5 15.28 -20.37 -6.19
CA GLY P 5 14.89 -19.02 -6.54
C GLY P 5 15.26 -17.98 -5.50
N ASN P 6 16.22 -18.29 -4.65
CA ASN P 6 16.59 -17.39 -3.56
C ASN P 6 17.35 -16.19 -4.12
N SER P 7 17.83 -15.33 -3.21
CA SER P 7 18.53 -14.13 -3.63
C SER P 7 19.49 -13.71 -2.54
N ARG P 8 20.61 -13.13 -2.97
CA ARG P 8 21.67 -12.74 -2.03
C ARG P 8 22.28 -11.46 -2.56
N GLY P 9 22.40 -10.45 -1.69
CA GLY P 9 23.05 -9.23 -2.09
C GLY P 9 24.53 -9.48 -2.13
N GLY P 10 25.25 -8.67 -2.88
CA GLY P 10 26.68 -8.84 -3.01
C GLY P 10 27.28 -7.72 -3.82
N GLY P 11 28.59 -7.68 -3.84
CA GLY P 11 29.27 -6.58 -4.47
C GLY P 11 29.12 -5.30 -3.68
N ALA P 12 29.37 -4.19 -4.37
CA ALA P 12 29.11 -2.90 -3.75
C ALA P 12 27.61 -2.82 -3.56
N GLY P 13 27.18 -1.87 -2.74
CA GLY P 13 25.80 -1.89 -2.29
C GLY P 13 24.94 -1.07 -3.22
N LEU P 14 23.99 -0.35 -2.65
CA LEU P 14 23.03 0.46 -3.38
C LEU P 14 23.16 1.89 -2.87
N GLY P 15 23.48 2.81 -3.76
CA GLY P 15 23.46 4.22 -3.39
C GLY P 15 24.25 4.58 -2.15
N ASN P 16 25.45 4.05 -2.01
CA ASN P 16 26.27 4.33 -0.84
C ASN P 16 27.12 5.58 -1.04
N ASN P 17 27.54 6.16 0.09
CA ASN P 17 28.56 7.19 0.12
C ASN P 17 28.02 8.45 -0.52
N GLN P 18 26.71 8.65 -0.44
CA GLN P 18 26.07 9.76 -1.14
C GLN P 18 26.63 11.08 -0.63
N GLY P 19 27.38 11.76 -1.48
CA GLY P 19 27.96 13.03 -1.11
C GLY P 19 28.90 12.98 0.07
N SER P 20 29.69 11.92 0.17
CA SER P 20 30.55 11.68 1.31
C SER P 20 31.97 12.10 0.96
N ASN P 21 32.43 13.20 1.55
CA ASN P 21 33.76 13.72 1.27
C ASN P 21 34.72 12.75 1.95
N MET P 22 35.58 12.11 1.17
CA MET P 22 36.53 11.17 1.71
C MET P 22 37.84 11.91 1.90
N GLY P 23 38.85 11.20 2.38
CA GLY P 23 40.20 11.69 2.41
C GLY P 23 41.10 10.74 1.64
N GLY P 24 40.70 9.48 1.59
CA GLY P 24 41.43 8.47 0.83
C GLY P 24 41.55 7.14 1.54
N GLY P 25 42.21 6.18 0.90
CA GLY P 25 42.58 4.94 1.53
C GLY P 25 41.48 3.91 1.70
N MET P 26 40.22 4.29 1.51
CA MET P 26 39.13 3.36 1.79
C MET P 26 39.06 2.21 0.80
N ASN P 27 38.57 1.08 1.28
CA ASN P 27 38.33 -0.11 0.47
C ASN P 27 36.89 -0.57 0.61
N PHE P 28 36.15 -0.51 -0.48
CA PHE P 28 34.70 -0.55 -0.42
C PHE P 28 34.15 -1.66 -1.29
N GLY P 29 33.37 -2.56 -0.70
CA GLY P 29 32.72 -3.58 -1.48
C GLY P 29 32.78 -4.97 -0.89
N GLU P 30 33.09 -5.96 -1.71
CA GLU P 30 33.20 -7.34 -1.28
C GLU P 30 34.50 -7.88 -1.85
N PHE P 31 35.52 -8.02 -1.01
CA PHE P 31 36.87 -8.22 -1.51
C PHE P 31 37.69 -8.95 -0.45
N SER P 32 39.00 -8.93 -0.63
CA SER P 32 39.93 -9.55 0.32
C SER P 32 41.29 -8.95 0.02
N ILE P 33 41.99 -8.51 1.04
CA ILE P 33 43.27 -7.82 0.90
C ILE P 33 44.32 -8.68 1.58
N ASN P 34 45.40 -8.98 0.86
CA ASN P 34 46.51 -9.81 1.39
C ASN P 34 47.78 -8.96 1.50
N GLY Q 3 18.87 21.35 -1.54
CA GLY Q 3 18.78 20.10 -0.80
C GLY Q 3 19.83 19.10 -1.22
N PHE Q 4 20.17 18.18 -0.30
CA PHE Q 4 21.26 17.20 -0.58
C PHE Q 4 20.73 15.85 -1.10
N GLY Q 5 20.00 15.09 -0.26
CA GLY Q 5 19.46 13.82 -0.71
C GLY Q 5 18.05 13.50 -0.29
N ASN Q 6 17.26 14.52 0.01
CA ASN Q 6 15.95 14.34 0.62
C ASN Q 6 14.88 13.96 -0.41
N SER Q 7 13.72 13.55 0.10
CA SER Q 7 12.65 13.02 -0.74
C SER Q 7 11.28 13.49 -0.30
N ARG Q 8 10.43 13.83 -1.26
CA ARG Q 8 9.10 14.34 -1.02
C ARG Q 8 8.10 13.48 -1.77
N GLY Q 9 7.16 12.87 -1.05
CA GLY Q 9 6.21 11.97 -1.67
C GLY Q 9 5.09 12.71 -2.35
N GLY Q 10 4.63 12.17 -3.47
CA GLY Q 10 3.53 12.75 -4.19
C GLY Q 10 2.98 11.76 -5.20
N GLY Q 11 2.01 12.21 -5.97
CA GLY Q 11 1.46 11.36 -7.00
C GLY Q 11 0.56 10.31 -6.37
N ALA Q 12 0.16 9.36 -7.22
CA ALA Q 12 -0.71 8.28 -6.80
C ALA Q 12 -0.31 7.00 -7.50
N GLY Q 13 -0.28 5.91 -6.76
CA GLY Q 13 0.11 4.63 -7.31
C GLY Q 13 -0.66 3.49 -6.68
N LEU Q 14 -0.92 2.48 -7.51
CA LEU Q 14 -1.67 1.30 -7.08
C LEU Q 14 -0.83 0.10 -7.47
N GLY Q 15 -0.45 -0.71 -6.48
CA GLY Q 15 0.47 -1.79 -6.75
C GLY Q 15 -0.18 -2.86 -7.58
N ASN Q 16 -1.08 -3.63 -6.97
CA ASN Q 16 -1.80 -4.70 -7.63
C ASN Q 16 -3.31 -4.55 -7.59
N ASN Q 17 -3.95 -4.58 -8.75
CA ASN Q 17 -5.40 -4.55 -8.84
C ASN Q 17 -5.84 -5.77 -9.62
N GLN Q 18 -6.45 -6.74 -8.94
CA GLN Q 18 -6.85 -8.02 -9.59
C GLN Q 18 -8.34 -8.26 -9.36
N GLY Q 19 -9.05 -8.60 -10.44
CA GLY Q 19 -10.51 -8.92 -10.42
C GLY Q 19 -11.39 -7.81 -9.88
N SER Q 20 -11.32 -6.59 -10.44
CA SER Q 20 -12.10 -5.46 -9.87
C SER Q 20 -12.67 -4.57 -10.97
N ASN Q 21 -13.58 -3.69 -10.57
CA ASN Q 21 -14.18 -2.64 -11.42
C ASN Q 21 -13.67 -1.34 -10.81
N MET Q 22 -12.93 -0.55 -11.58
CA MET Q 22 -12.31 0.65 -11.04
C MET Q 22 -12.71 1.72 -12.04
N GLY Q 23 -13.40 2.74 -11.57
CA GLY Q 23 -13.83 3.80 -12.44
C GLY Q 23 -15.18 4.35 -12.01
N GLY Q 24 -16.00 4.70 -13.00
CA GLY Q 24 -17.30 5.25 -12.71
C GLY Q 24 -17.18 6.56 -11.96
N GLY Q 25 -16.48 7.52 -12.55
CA GLY Q 25 -16.31 8.81 -11.89
C GLY Q 25 -15.15 8.81 -10.92
N MET Q 26 -13.96 8.50 -11.41
CA MET Q 26 -12.78 8.39 -10.57
C MET Q 26 -11.66 9.31 -11.04
N ASN Q 27 -11.03 9.98 -10.09
CA ASN Q 27 -9.84 10.78 -10.35
C ASN Q 27 -8.66 10.12 -9.67
N PHE Q 28 -7.74 9.59 -10.48
CA PHE Q 28 -6.63 8.79 -9.99
C PHE Q 28 -5.39 9.44 -10.58
N GLY Q 29 -4.62 10.11 -9.74
CA GLY Q 29 -3.43 10.76 -10.24
C GLY Q 29 -3.11 12.00 -9.43
N GLU Q 30 -2.51 12.98 -10.09
CA GLU Q 30 -2.10 14.23 -9.48
C GLU Q 30 -2.75 15.38 -10.23
N PHE Q 31 -3.47 16.24 -9.51
CA PHE Q 31 -4.18 17.36 -10.09
C PHE Q 31 -3.63 18.59 -9.41
N SER Q 32 -2.96 19.46 -10.19
CA SER Q 32 -2.33 20.67 -9.61
C SER Q 32 -2.68 21.91 -10.44
N ILE Q 33 -3.02 23.01 -9.76
CA ILE Q 33 -3.32 24.29 -10.37
C ILE Q 33 -2.59 25.44 -9.70
N ASN Q 34 -2.00 26.31 -10.50
CA ASN Q 34 -1.20 27.41 -9.97
C ASN Q 34 -1.67 28.76 -10.50
N GLY R 3 -16.12 22.73 -17.08
CA GLY R 3 -15.19 22.24 -16.08
C GLY R 3 -13.80 22.01 -16.63
N PHE R 4 -12.82 21.84 -15.74
CA PHE R 4 -11.44 21.68 -16.18
C PHE R 4 -11.07 20.21 -16.40
N GLY R 5 -11.03 19.44 -15.32
CA GLY R 5 -10.53 18.08 -15.41
C GLY R 5 -11.28 17.08 -14.54
N ASN R 6 -12.52 17.42 -14.17
CA ASN R 6 -13.29 16.57 -13.29
C ASN R 6 -13.77 15.32 -14.03
N SER R 7 -14.57 14.51 -13.36
CA SER R 7 -15.05 13.27 -13.94
C SER R 7 -16.36 12.88 -13.32
N ARG R 8 -17.22 12.25 -14.12
CA ARG R 8 -18.56 11.89 -13.67
C ARG R 8 -18.90 10.57 -14.32
N GLY R 9 -19.36 9.61 -13.53
CA GLY R 9 -19.80 8.35 -14.09
C GLY R 9 -21.15 8.58 -14.73
N GLY R 10 -21.50 7.70 -15.67
CA GLY R 10 -22.75 7.84 -16.37
C GLY R 10 -22.97 6.66 -17.28
N GLY R 11 -24.17 6.59 -17.84
CA GLY R 11 -24.54 5.45 -18.63
C GLY R 11 -24.72 4.21 -17.77
N ALA R 12 -24.67 3.06 -18.43
CA ALA R 12 -24.68 1.80 -17.70
C ALA R 12 -23.39 1.78 -16.90
N GLY R 13 -23.33 0.89 -15.93
CA GLY R 13 -22.25 0.95 -14.97
C GLY R 13 -21.08 0.10 -15.43
N LEU R 14 -20.45 -0.56 -14.48
CA LEU R 14 -19.27 -1.39 -14.72
C LEU R 14 -19.59 -2.79 -14.21
N GLY R 15 -19.53 -3.77 -15.11
CA GLY R 15 -19.67 -5.15 -14.68
C GLY R 15 -20.88 -5.48 -13.85
N ASN R 16 -22.04 -4.96 -14.24
CA ASN R 16 -23.26 -5.19 -13.49
C ASN R 16 -23.96 -6.47 -13.94
N ASN R 17 -24.79 -7.00 -13.04
CA ASN R 17 -25.75 -8.06 -13.37
C ASN R 17 -24.99 -9.34 -13.66
N GLN R 18 -23.82 -9.50 -13.05
CA GLN R 18 -22.96 -10.63 -13.37
C GLN R 18 -23.68 -11.93 -13.06
N GLY R 19 -24.03 -12.67 -14.10
CA GLY R 19 -24.71 -13.93 -13.92
C GLY R 19 -26.04 -13.83 -13.23
N SER R 20 -26.80 -12.79 -13.50
CA SER R 20 -28.05 -12.52 -12.82
C SER R 20 -29.20 -12.99 -13.70
N ASN R 21 -29.87 -14.05 -13.28
CA ASN R 21 -30.97 -14.62 -14.05
C ASN R 21 -32.13 -13.64 -13.87
N MET R 22 -32.59 -13.07 -14.97
CA MET R 22 -33.68 -12.11 -14.90
C MET R 22 -34.96 -12.88 -15.22
N GLY R 23 -36.07 -12.16 -15.21
CA GLY R 23 -37.32 -12.69 -15.72
C GLY R 23 -37.83 -11.79 -16.83
N GLY R 24 -37.44 -10.53 -16.79
CA GLY R 24 -37.80 -9.58 -17.82
C GLY R 24 -38.21 -8.22 -17.30
N GLY R 25 -38.54 -7.31 -18.21
CA GLY R 25 -39.13 -6.04 -17.86
C GLY R 25 -38.20 -4.98 -17.32
N MET R 26 -36.97 -5.33 -16.97
CA MET R 26 -36.09 -4.38 -16.32
C MET R 26 -35.63 -3.27 -17.26
N ASN R 27 -35.36 -2.11 -16.68
CA ASN R 27 -34.83 -0.96 -17.40
C ASN R 27 -33.57 -0.46 -16.71
N PHE R 28 -32.45 -0.56 -17.41
CA PHE R 28 -31.14 -0.48 -16.77
C PHE R 28 -30.29 0.59 -17.41
N GLY R 29 -29.82 1.53 -16.60
CA GLY R 29 -28.90 2.53 -17.11
C GLY R 29 -29.19 3.94 -16.67
N GLU R 30 -29.14 4.88 -17.61
CA GLU R 30 -29.41 6.29 -17.33
C GLU R 30 -30.38 6.76 -18.41
N PHE R 31 -31.64 6.93 -18.06
CA PHE R 31 -32.69 7.06 -19.07
C PHE R 31 -33.86 7.84 -18.47
N SER R 32 -35.00 7.78 -19.16
CA SER R 32 -36.22 8.42 -18.70
C SER R 32 -37.34 7.77 -19.50
N ILE R 33 -38.40 7.37 -18.81
CA ILE R 33 -39.51 6.65 -19.43
C ILE R 33 -40.74 7.54 -19.28
N ASN R 34 -41.44 7.76 -20.40
CA ASN R 34 -42.67 8.60 -20.40
C ASN R 34 -43.88 7.73 -20.77
N GLY S 3 -16.22 -22.05 -10.18
CA GLY S 3 -16.44 -20.76 -9.54
C GLY S 3 -17.23 -19.82 -10.39
N PHE S 4 -17.92 -18.86 -9.75
CA PHE S 4 -18.79 -17.91 -10.50
C PHE S 4 -18.09 -16.59 -10.83
N GLY S 5 -17.77 -15.77 -9.82
CA GLY S 5 -17.10 -14.51 -10.07
C GLY S 5 -15.96 -14.13 -9.14
N ASN S 6 -15.37 -15.12 -8.49
CA ASN S 6 -14.42 -14.88 -7.42
C ASN S 6 -13.03 -14.54 -7.95
N SER S 7 -12.16 -14.08 -7.04
CA SER S 7 -10.85 -13.57 -7.41
C SER S 7 -9.78 -13.98 -6.42
N ARG S 8 -8.61 -14.36 -6.95
CA ARG S 8 -7.49 -14.81 -6.15
C ARG S 8 -6.27 -13.97 -6.49
N GLY S 9 -5.71 -13.30 -5.48
CA GLY S 9 -4.59 -12.41 -5.73
C GLY S 9 -3.28 -13.17 -5.84
N GLY S 10 -2.41 -12.67 -6.71
CA GLY S 10 -1.11 -13.26 -6.90
C GLY S 10 -0.21 -12.32 -7.66
N GLY S 11 0.99 -12.79 -7.94
CA GLY S 11 1.91 -11.98 -8.71
C GLY S 11 2.49 -10.88 -7.83
N ALA S 12 3.19 -9.97 -8.49
CA ALA S 12 3.82 -8.85 -7.81
C ALA S 12 3.75 -7.61 -8.69
N GLY S 13 3.42 -6.48 -8.09
CA GLY S 13 3.28 -5.24 -8.83
C GLY S 13 3.74 -4.06 -8.01
N LEU S 14 4.32 -3.08 -8.70
CA LEU S 14 4.82 -1.87 -8.09
C LEU S 14 4.21 -0.71 -8.84
N GLY S 15 3.46 0.14 -8.14
CA GLY S 15 2.72 1.18 -8.81
C GLY S 15 3.67 2.22 -9.37
N ASN S 16 4.23 3.05 -8.49
CA ASN S 16 5.17 4.09 -8.88
C ASN S 16 6.53 3.98 -8.21
N ASN S 17 7.57 3.97 -9.02
CA ASN S 17 8.94 3.97 -8.52
C ASN S 17 9.67 5.15 -9.12
N GLN S 18 9.94 6.17 -8.30
CA GLN S 18 10.57 7.42 -8.81
C GLN S 18 11.85 7.71 -8.01
N GLY S 19 12.93 8.00 -8.73
CA GLY S 19 14.26 8.35 -8.14
C GLY S 19 14.85 7.30 -7.23
N SER S 20 15.01 6.05 -7.71
CA SER S 20 15.49 4.97 -6.81
C SER S 20 16.45 4.04 -7.54
N ASN S 21 17.13 3.20 -6.74
CA ASN S 21 18.02 2.12 -7.21
C ASN S 21 17.30 0.83 -6.79
N MET S 22 16.94 -0.01 -7.75
CA MET S 22 16.15 -1.19 -7.44
C MET S 22 16.92 -2.30 -8.14
N GLY S 23 17.36 -3.28 -7.38
CA GLY S 23 18.11 -4.38 -7.93
C GLY S 23 19.17 -4.87 -6.96
N GLY S 24 20.31 -5.25 -7.52
CA GLY S 24 21.39 -5.76 -6.70
C GLY S 24 20.98 -7.03 -5.99
N GLY S 25 20.57 -8.03 -6.75
CA GLY S 25 20.15 -9.29 -6.16
C GLY S 25 18.70 -9.26 -5.74
N MET S 26 17.81 -9.01 -6.68
CA MET S 26 16.38 -8.89 -6.38
C MET S 26 15.56 -9.84 -7.21
N ASN S 27 14.59 -10.48 -6.57
CA ASN S 27 13.61 -11.33 -7.23
C ASN S 27 12.25 -10.66 -7.14
N PHE S 28 11.74 -10.19 -8.27
CA PHE S 28 10.53 -9.39 -8.33
C PHE S 28 9.63 -10.11 -9.31
N GLY S 29 8.59 -10.74 -8.83
CA GLY S 29 7.70 -11.44 -9.72
C GLY S 29 7.08 -12.64 -9.03
N GLU S 30 6.80 -13.66 -9.84
CA GLU S 30 6.18 -14.89 -9.37
C GLU S 30 7.07 -16.07 -9.74
N PHE S 31 7.43 -16.87 -8.74
CA PHE S 31 8.32 -18.00 -8.92
C PHE S 31 7.53 -19.22 -8.45
N SER S 32 7.24 -20.13 -9.38
CA SER S 32 6.43 -21.33 -9.03
C SER S 32 7.08 -22.60 -9.58
N ILE S 33 7.12 -23.65 -8.75
CA ILE S 33 7.65 -24.96 -9.13
C ILE S 33 6.70 -26.09 -8.74
N ASN S 34 6.49 -27.01 -9.66
CA ASN S 34 5.54 -28.09 -9.44
C ASN S 34 6.17 -29.46 -9.66
N GLY T 3 22.06 -23.46 -10.18
CA GLY T 3 20.80 -22.95 -9.66
C GLY T 3 19.75 -22.77 -10.74
N PHE T 4 18.51 -22.58 -10.34
CA PHE T 4 17.42 -22.47 -11.31
C PHE T 4 17.18 -21.02 -11.74
N GLY T 5 16.70 -20.19 -10.82
CA GLY T 5 16.29 -18.85 -11.17
C GLY T 5 16.63 -17.81 -10.14
N ASN T 6 17.59 -18.09 -9.28
CA ASN T 6 17.95 -17.18 -8.21
C ASN T 6 18.69 -15.96 -8.76
N SER T 7 19.15 -15.10 -7.86
CA SER T 7 19.82 -13.88 -8.29
C SER T 7 20.78 -13.43 -7.20
N ARG T 8 21.88 -12.82 -7.62
CA ARG T 8 22.92 -12.41 -6.69
C ARG T 8 23.51 -11.12 -7.23
N GLY T 9 23.60 -10.11 -6.37
CA GLY T 9 24.23 -8.86 -6.77
C GLY T 9 25.73 -9.10 -6.81
N GLY T 10 26.42 -8.26 -7.56
CA GLY T 10 27.86 -8.41 -7.71
C GLY T 10 28.42 -7.27 -8.51
N GLY T 11 29.74 -7.21 -8.53
CA GLY T 11 30.40 -6.10 -9.18
C GLY T 11 30.21 -4.82 -8.38
N ALA T 12 30.45 -3.70 -9.07
CA ALA T 12 30.16 -2.41 -8.47
C ALA T 12 28.65 -2.38 -8.27
N GLY T 13 28.20 -1.44 -7.46
CA GLY T 13 26.83 -1.47 -7.00
C GLY T 13 25.95 -0.68 -7.94
N LEU T 14 24.98 0.02 -7.36
CA LEU T 14 24.01 0.81 -8.11
C LEU T 14 24.10 2.24 -7.60
N GLY T 15 24.40 3.17 -8.50
CA GLY T 15 24.36 4.58 -8.12
C GLY T 15 25.13 4.97 -6.89
N ASN T 16 26.35 4.46 -6.75
CA ASN T 16 27.15 4.77 -5.59
C ASN T 16 27.99 6.02 -5.79
N ASN T 17 28.38 6.63 -4.67
CA ASN T 17 29.39 7.68 -4.64
C ASN T 17 28.82 8.92 -5.28
N GLN T 18 27.51 9.09 -5.21
CA GLN T 18 26.84 10.18 -5.91
C GLN T 18 27.37 11.51 -5.41
N GLY T 19 28.12 12.21 -6.26
CA GLY T 19 28.67 13.50 -5.90
C GLY T 19 29.61 13.47 -4.72
N SER T 20 30.42 12.42 -4.61
CA SER T 20 31.29 12.22 -3.47
C SER T 20 32.69 12.66 -3.83
N ASN T 21 33.13 13.77 -3.23
CA ASN T 21 34.45 14.31 -3.52
C ASN T 21 35.43 13.37 -2.84
N MET T 22 36.30 12.74 -3.63
CA MET T 22 37.27 11.83 -3.07
C MET T 22 38.57 12.61 -2.89
N GLY T 23 39.59 11.91 -2.40
CA GLY T 23 40.93 12.44 -2.38
C GLY T 23 41.84 11.50 -3.14
N GLY T 24 41.47 10.23 -3.18
CA GLY T 24 42.22 9.24 -3.94
C GLY T 24 42.38 7.91 -3.22
N GLY T 25 43.05 6.96 -3.87
CA GLY T 25 43.45 5.72 -3.23
C GLY T 25 42.38 4.69 -3.05
N MET T 26 41.10 5.02 -3.25
CA MET T 26 40.04 4.08 -2.95
C MET T 26 40.01 2.92 -3.94
N ASN T 27 39.52 1.78 -3.46
CA ASN T 27 39.32 0.59 -4.26
C ASN T 27 37.89 0.10 -4.11
N PHE T 28 37.14 0.14 -5.20
CA PHE T 28 35.69 0.06 -5.15
C PHE T 28 35.16 -1.06 -6.01
N GLY T 29 34.42 -1.98 -5.42
CA GLY T 29 33.78 -3.02 -6.20
C GLY T 29 33.87 -4.40 -5.59
N GLU T 30 34.20 -5.38 -6.41
CA GLU T 30 34.34 -6.76 -5.98
C GLU T 30 35.65 -7.27 -6.54
N PHE T 31 36.67 -7.39 -5.70
CA PHE T 31 38.03 -7.56 -6.20
C PHE T 31 38.86 -8.26 -5.14
N SER T 32 40.18 -8.22 -5.32
CA SER T 32 41.11 -8.82 -4.37
C SER T 32 42.46 -8.18 -4.68
N ILE T 33 43.16 -7.72 -3.65
CA ILE T 33 44.43 -7.01 -3.80
C ILE T 33 45.49 -7.86 -3.11
N ASN T 34 46.57 -8.13 -3.84
CA ASN T 34 47.70 -8.94 -3.30
C ASN T 34 48.95 -8.05 -3.19
#